data_4I35
#
_entry.id   4I35
#
_cell.length_a   42.357
_cell.length_b   105.075
_cell.length_c   151.114
_cell.angle_alpha   90.00
_cell.angle_beta   90.00
_cell.angle_gamma   90.00
#
_symmetry.space_group_name_H-M   'P 21 21 21'
#
loop_
_entity.id
_entity.type
_entity.pdbx_description
1 polymer Serralysin
2 non-polymer GLYCEROL
3 non-polymer HEXANE
4 non-polymer N-OCTANE
5 non-polymer 'ZINC ION'
6 non-polymer 'CALCIUM ION'
7 water water
#
_entity_poly.entity_id   1
_entity_poly.type   'polypeptide(L)'
_entity_poly.pdbx_seq_one_letter_code
;TTGYDAVDDLLHYHERGNGIQINGKDSFSNEQAGLFITRENQTWNGYKVFGQPVKLTFSFPDYKFSSTNVAGDTGLSKFS
AEQQQQAKLSLQSWADVANITFTEVAAGQKANITFGNYSQDRPGHYDYGTQAYAFLPNTIWQGQDLGGQTWYNVNQSNVK
HPATEDYGRQTFTHEIGHALGLSHPGDYNAGEGNPTYNDVTYAEDTRQFSLMSYWSETNTGGDNGGHYAAAPLLDDIAAI
QHLYGANLSTRTGDTVYGFNSNTGRDFLSTTSNSQKVIFAAWDAGGNDTFDFSGYTANQRINLNEKSFSDVGGLKGNVSI
AAGVTIENAIGGSGNDVIVGNAANNVLKGGAGNDVLFGGGGADELWGGAGKDIFVFSAASDSAPGASDWIRDFQKGIDKI
DLSFFNKEANSSDFIHFVDHFSGTAGEALLSYNASSNVTDLSVNIGGHQAPDFLVKIVGQVDVATDFIV
;
_entity_poly.pdbx_strand_id   A
#
loop_
_chem_comp.id
_chem_comp.type
_chem_comp.name
_chem_comp.formula
CA non-polymer 'CALCIUM ION' 'Ca 2'
GOL non-polymer GLYCEROL 'C3 H8 O3'
HEX non-polymer HEXANE 'C6 H14'
OCT non-polymer N-OCTANE 'C8 H18'
ZN non-polymer 'ZINC ION' 'Zn 2'
#
# COMPACT_ATOMS: atom_id res chain seq x y z
N THR A 1 22.13 -15.80 -4.53
CA THR A 1 21.25 -15.69 -3.38
C THR A 1 20.19 -16.79 -3.42
N THR A 2 19.86 -17.31 -2.24
CA THR A 2 18.83 -18.33 -2.14
C THR A 2 17.45 -17.71 -2.23
N GLY A 3 16.43 -18.56 -2.37
CA GLY A 3 15.08 -18.08 -2.26
C GLY A 3 14.90 -17.45 -0.89
N TYR A 4 15.42 -18.10 0.14
CA TYR A 4 15.22 -17.61 1.47
C TYR A 4 15.82 -16.21 1.64
N ASP A 5 17.01 -15.98 1.10
CA ASP A 5 17.61 -14.64 1.16
C ASP A 5 16.66 -13.60 0.61
N ALA A 6 16.05 -13.89 -0.53
CA ALA A 6 15.15 -12.93 -1.14
C ALA A 6 13.92 -12.67 -0.25
N VAL A 7 13.39 -13.73 0.35
CA VAL A 7 12.25 -13.60 1.23
C VAL A 7 12.62 -12.73 2.43
N ASP A 8 13.74 -13.05 3.05
CA ASP A 8 14.18 -12.32 4.22
C ASP A 8 14.36 -10.83 3.88
N ASP A 9 14.95 -10.56 2.65
CA ASP A 9 15.10 -9.14 2.28
C ASP A 9 13.73 -8.47 2.13
N LEU A 10 12.76 -9.05 1.57
CA LEU A 10 11.48 -8.39 1.40
C LEU A 10 10.76 -8.22 2.73
N LEU A 11 10.92 -9.18 3.63
CA LEU A 11 10.26 -9.09 4.92
C LEU A 11 10.79 -7.96 5.76
N HIS A 12 12.03 -7.54 5.51
CA HIS A 12 12.66 -6.48 6.31
C HIS A 12 12.79 -5.15 5.58
N TYR A 13 11.98 -4.98 4.54
CA TYR A 13 11.93 -3.77 3.73
C TYR A 13 11.17 -2.66 4.45
N HIS A 14 11.77 -1.48 4.53
CA HIS A 14 11.14 -0.33 5.19
C HIS A 14 10.73 -0.60 6.63
N GLU A 15 11.63 -1.24 7.38
CA GLU A 15 11.44 -1.37 8.80
C GLU A 15 11.33 0.03 9.39
N ARG A 16 10.50 0.16 10.42
CA ARG A 16 10.24 1.48 11.00
C ARG A 16 9.84 1.41 12.45
N GLY A 17 9.89 2.55 13.11
CA GLY A 17 9.44 2.66 14.49
C GLY A 17 10.41 2.07 15.47
N ASN A 18 9.93 1.90 16.71
CA ASN A 18 10.69 1.28 17.78
C ASN A 18 12.00 1.96 18.08
N GLY A 19 12.05 3.25 17.81
CA GLY A 19 13.19 4.07 18.17
C GLY A 19 14.35 4.03 17.21
N ILE A 20 14.22 3.35 16.07
CA ILE A 20 15.34 3.32 15.14
C ILE A 20 15.50 4.63 14.39
N GLN A 21 16.68 4.80 13.79
CA GLN A 21 17.06 5.97 13.03
C GLN A 21 17.23 5.63 11.56
N ILE A 22 16.77 6.53 10.70
CA ILE A 22 16.90 6.37 9.24
C ILE A 22 17.24 7.74 8.64
N ASN A 23 18.22 7.79 7.76
CA ASN A 23 18.64 9.07 7.16
C ASN A 23 19.03 10.10 8.22
N GLY A 24 19.52 9.65 9.36
CA GLY A 24 19.85 10.54 10.45
C GLY A 24 18.62 11.14 11.13
N LYS A 25 17.45 10.54 10.90
CA LYS A 25 16.21 11.04 11.46
C LYS A 25 15.49 9.96 12.24
N ASP A 26 14.69 10.37 13.21
CA ASP A 26 13.81 9.46 13.92
C ASP A 26 12.85 8.78 12.95
N SER A 27 12.71 7.48 13.09
CA SER A 27 11.69 6.72 12.36
C SER A 27 10.43 6.65 13.22
N PHE A 28 9.28 6.92 12.62
CA PHE A 28 8.00 6.76 13.30
C PHE A 28 7.28 5.53 12.74
N SER A 29 6.55 4.83 13.61
CA SER A 29 5.64 3.78 13.20
C SER A 29 4.45 4.37 12.43
N ASN A 30 3.70 3.52 11.75
CA ASN A 30 2.48 3.95 11.06
C ASN A 30 1.58 4.71 12.03
N GLU A 31 1.42 4.19 13.24
CA GLU A 31 0.57 4.83 14.24
C GLU A 31 1.11 6.19 14.65
N GLN A 32 2.40 6.27 14.94
CA GLN A 32 3.03 7.53 15.36
C GLN A 32 2.92 8.58 14.25
N ALA A 33 3.10 8.16 13.00
CA ALA A 33 2.96 9.06 11.87
C ALA A 33 1.54 9.59 11.76
N GLY A 34 0.54 8.71 11.91
CA GLY A 34 -0.85 9.13 11.86
C GLY A 34 -1.14 10.20 12.90
N LEU A 35 -0.64 9.97 14.11
CA LEU A 35 -0.81 10.94 15.19
C LEU A 35 -0.07 12.25 14.89
N PHE A 36 1.12 12.17 14.30
CA PHE A 36 1.87 13.40 14.07
C PHE A 36 1.24 14.21 12.93
N ILE A 37 0.76 13.53 11.90
CA ILE A 37 0.08 14.21 10.80
C ILE A 37 -1.17 14.93 11.33
N THR A 38 -1.77 14.41 12.39
CA THR A 38 -2.96 15.03 12.98
C THR A 38 -2.64 15.79 14.28
N ARG A 39 -1.41 16.29 14.39
CA ARG A 39 -0.97 16.96 15.63
C ARG A 39 -1.71 18.25 15.97
N GLU A 40 -2.45 18.85 15.04
CA GLU A 40 -3.22 20.05 15.41
C GLU A 40 -4.48 19.65 16.16
N ASN A 41 -4.85 18.38 16.10
CA ASN A 41 -5.97 17.84 16.87
C ASN A 41 -7.32 18.45 16.53
N GLN A 42 -7.46 18.95 15.31
CA GLN A 42 -8.71 19.56 14.86
C GLN A 42 -9.53 18.57 14.04
N THR A 43 -10.82 18.44 14.35
CA THR A 43 -11.73 17.62 13.57
C THR A 43 -13.07 18.32 13.40
N TRP A 44 -13.83 17.89 12.40
CA TRP A 44 -15.19 18.36 12.18
C TRP A 44 -16.15 18.01 13.33
N ASN A 45 -15.73 17.09 14.21
CA ASN A 45 -16.53 16.74 15.39
C ASN A 45 -16.12 17.48 16.65
N GLY A 46 -15.09 18.33 16.55
CA GLY A 46 -14.58 19.05 17.69
C GLY A 46 -13.11 18.84 17.94
N TYR A 47 -12.53 19.78 18.68
CA TYR A 47 -11.14 19.73 19.06
C TYR A 47 -10.89 18.51 19.94
N LYS A 48 -9.92 17.69 19.55
CA LYS A 48 -9.55 16.48 20.28
C LYS A 48 -10.68 15.46 20.38
N VAL A 49 -11.65 15.56 19.48
CA VAL A 49 -12.71 14.57 19.39
C VAL A 49 -12.35 13.60 18.29
N PHE A 50 -11.94 12.40 18.67
CA PHE A 50 -11.39 11.44 17.73
C PHE A 50 -12.22 10.17 17.61
N GLY A 51 -12.14 9.54 16.46
CA GLY A 51 -12.72 8.23 16.26
C GLY A 51 -14.20 8.18 15.91
N GLN A 52 -14.82 9.34 15.76
CA GLN A 52 -16.24 9.41 15.52
C GLN A 52 -16.54 9.67 14.07
N PRO A 53 -17.64 9.10 13.56
CA PRO A 53 -18.03 9.37 12.18
C PRO A 53 -18.43 10.82 11.97
N VAL A 54 -18.43 11.21 10.71
CA VAL A 54 -18.88 12.55 10.37
C VAL A 54 -19.57 12.57 9.01
N LYS A 55 -20.59 13.44 8.90
CA LYS A 55 -21.28 13.68 7.64
C LYS A 55 -21.01 15.11 7.25
N LEU A 56 -20.45 15.29 6.05
CA LEU A 56 -20.04 16.59 5.59
C LEU A 56 -20.68 16.92 4.25
N THR A 57 -20.95 18.20 4.03
CA THR A 57 -21.39 18.67 2.72
C THR A 57 -20.21 19.27 1.95
N PHE A 58 -20.31 19.25 0.63
CA PHE A 58 -19.32 19.92 -0.19
C PHE A 58 -20.00 20.60 -1.37
N SER A 59 -19.33 21.59 -1.95
CA SER A 59 -19.87 22.27 -3.13
C SER A 59 -18.78 22.88 -3.95
N PHE A 60 -19.20 23.34 -5.13
CA PHE A 60 -18.35 24.06 -6.07
C PHE A 60 -18.96 25.44 -6.30
N PRO A 61 -18.58 26.41 -5.46
CA PRO A 61 -19.25 27.71 -5.56
C PRO A 61 -18.94 28.41 -6.87
N ASP A 62 -19.83 29.30 -7.30
CA ASP A 62 -19.64 30.04 -8.54
CA ASP A 62 -19.64 30.05 -8.54
C ASP A 62 -18.93 31.36 -8.26
N TYR A 63 -17.66 31.26 -7.88
CA TYR A 63 -16.86 32.41 -7.53
C TYR A 63 -16.72 33.42 -8.67
N LYS A 64 -16.85 34.69 -8.29
CA LYS A 64 -16.68 35.80 -9.23
C LYS A 64 -15.22 36.17 -9.43
N PHE A 65 -14.83 36.39 -10.68
CA PHE A 65 -13.42 36.62 -11.03
C PHE A 65 -12.77 37.77 -10.25
N SER A 66 -13.45 38.91 -10.18
CA SER A 66 -12.88 40.06 -9.51
C SER A 66 -12.96 40.04 -7.99
N SER A 67 -13.65 39.05 -7.43
CA SER A 67 -13.71 38.87 -5.98
C SER A 67 -12.35 38.46 -5.42
N THR A 68 -12.15 38.71 -4.14
CA THR A 68 -10.91 38.38 -3.44
C THR A 68 -11.23 37.41 -2.30
N ASN A 69 -10.47 36.32 -2.22
CA ASN A 69 -10.72 35.34 -1.16
C ASN A 69 -10.00 35.70 0.13
N VAL A 70 -10.23 34.90 1.16
CA VAL A 70 -9.73 35.22 2.47
C VAL A 70 -8.21 35.31 2.53
N ALA A 71 -7.52 34.65 1.59
CA ALA A 71 -6.06 34.66 1.57
C ALA A 71 -5.49 35.80 0.70
N GLY A 72 -6.35 36.58 0.06
CA GLY A 72 -5.87 37.72 -0.71
C GLY A 72 -5.75 37.42 -2.20
N ASP A 73 -6.06 36.20 -2.62
CA ASP A 73 -5.98 35.86 -4.04
C ASP A 73 -7.25 36.26 -4.76
N THR A 74 -7.12 36.52 -6.07
CA THR A 74 -8.26 36.94 -6.86
C THR A 74 -8.23 36.24 -8.23
N GLY A 75 -8.98 36.74 -9.21
CA GLY A 75 -9.16 36.04 -10.46
C GLY A 75 -9.75 34.67 -10.20
N LEU A 76 -10.83 34.65 -9.42
CA LEU A 76 -11.44 33.41 -8.95
C LEU A 76 -12.35 32.80 -10.00
N SER A 77 -12.53 31.48 -9.93
CA SER A 77 -13.52 30.86 -10.78
C SER A 77 -14.01 29.54 -10.21
N LYS A 78 -15.16 29.11 -10.74
CA LYS A 78 -15.76 27.84 -10.40
CA LYS A 78 -15.76 27.84 -10.38
C LYS A 78 -14.97 26.69 -11.00
N PHE A 79 -14.94 25.57 -10.28
CA PHE A 79 -14.36 24.35 -10.81
C PHE A 79 -15.07 23.94 -12.10
N SER A 80 -14.29 23.52 -13.10
CA SER A 80 -14.81 22.99 -14.33
C SER A 80 -15.39 21.61 -14.15
N ALA A 81 -16.07 21.10 -15.16
CA ALA A 81 -16.61 19.76 -15.12
C ALA A 81 -15.50 18.75 -14.81
N GLU A 82 -14.36 18.86 -15.49
CA GLU A 82 -13.28 17.91 -15.27
C GLU A 82 -12.77 17.99 -13.83
N GLN A 83 -12.60 19.20 -13.33
CA GLN A 83 -12.11 19.39 -11.96
C GLN A 83 -13.11 18.82 -10.95
N GLN A 84 -14.40 19.00 -11.22
CA GLN A 84 -15.43 18.50 -10.32
C GLN A 84 -15.39 16.99 -10.30
N GLN A 85 -15.24 16.38 -11.47
CA GLN A 85 -15.22 14.93 -11.58
C GLN A 85 -14.06 14.33 -10.78
N GLN A 86 -12.88 14.92 -10.91
CA GLN A 86 -11.71 14.44 -10.21
C GLN A 86 -11.81 14.72 -8.70
N ALA A 87 -12.36 15.87 -8.33
CA ALA A 87 -12.53 16.18 -6.91
C ALA A 87 -13.43 15.16 -6.22
N LYS A 88 -14.51 14.76 -6.89
CA LYS A 88 -15.40 13.74 -6.33
C LYS A 88 -14.70 12.41 -6.14
N LEU A 89 -13.79 12.05 -7.05
CA LEU A 89 -13.04 10.81 -6.87
C LEU A 89 -12.07 10.91 -5.69
N SER A 90 -11.50 12.08 -5.49
CA SER A 90 -10.62 12.31 -4.32
C SER A 90 -11.43 12.23 -3.03
N LEU A 91 -12.60 12.86 -3.02
CA LEU A 91 -13.47 12.77 -1.84
C LEU A 91 -13.80 11.31 -1.53
N GLN A 92 -14.19 10.56 -2.56
CA GLN A 92 -14.54 9.16 -2.39
C GLN A 92 -13.39 8.36 -1.81
N SER A 93 -12.16 8.68 -2.21
CA SER A 93 -11.01 7.94 -1.71
C SER A 93 -10.76 8.15 -0.21
N TRP A 94 -11.15 9.30 0.33
CA TRP A 94 -11.12 9.49 1.79
C TRP A 94 -12.29 8.76 2.45
N ALA A 95 -13.48 8.88 1.88
CA ALA A 95 -14.66 8.18 2.40
C ALA A 95 -14.47 6.66 2.40
N ASP A 96 -13.65 6.13 1.49
CA ASP A 96 -13.44 4.68 1.46
C ASP A 96 -12.75 4.19 2.71
N VAL A 97 -11.85 4.99 3.26
CA VAL A 97 -10.99 4.51 4.34
C VAL A 97 -11.46 4.92 5.75
N ALA A 98 -12.27 5.96 5.88
CA ALA A 98 -12.73 6.41 7.21
C ALA A 98 -14.21 6.65 7.18
N ASN A 99 -14.84 6.80 8.36
CA ASN A 99 -16.28 6.96 8.42
C ASN A 99 -16.72 8.38 8.17
N ILE A 100 -16.55 8.78 6.91
CA ILE A 100 -16.93 10.10 6.42
C ILE A 100 -17.95 9.93 5.31
N THR A 101 -19.06 10.64 5.39
CA THR A 101 -20.03 10.71 4.32
C THR A 101 -19.93 12.11 3.68
N PHE A 102 -19.82 12.18 2.36
CA PHE A 102 -19.80 13.45 1.64
C PHE A 102 -21.06 13.60 0.80
N THR A 103 -21.75 14.73 0.94
CA THR A 103 -22.96 14.97 0.16
C THR A 103 -22.84 16.32 -0.50
N GLU A 104 -23.04 16.35 -1.83
CA GLU A 104 -22.94 17.61 -2.56
C GLU A 104 -24.17 18.48 -2.31
N VAL A 105 -23.95 19.78 -2.13
CA VAL A 105 -25.05 20.74 -2.06
C VAL A 105 -24.89 21.76 -3.19
N ALA A 106 -25.92 22.57 -3.41
CA ALA A 106 -25.92 23.52 -4.52
C ALA A 106 -24.86 24.59 -4.35
N ALA A 107 -24.35 25.08 -5.48
CA ALA A 107 -23.30 26.09 -5.49
C ALA A 107 -23.55 27.26 -4.54
N GLY A 108 -24.79 27.67 -4.38
CA GLY A 108 -25.10 28.82 -3.56
C GLY A 108 -25.36 28.51 -2.10
N GLN A 109 -25.37 27.24 -1.74
CA GLN A 109 -25.67 26.86 -0.35
C GLN A 109 -24.44 26.70 0.46
N LYS A 110 -24.55 26.97 1.74
CA LYS A 110 -23.48 26.81 2.66
C LYS A 110 -23.02 25.35 2.65
N ALA A 111 -21.73 25.15 2.60
CA ALA A 111 -21.14 23.82 2.54
C ALA A 111 -19.94 23.72 3.42
N ASN A 112 -19.69 22.55 4.00
CA ASN A 112 -18.53 22.37 4.86
C ASN A 112 -17.22 22.46 4.05
N ILE A 113 -17.15 21.72 2.95
CA ILE A 113 -15.95 21.69 2.12
C ILE A 113 -16.25 22.34 0.78
N THR A 114 -15.44 23.32 0.42
CA THR A 114 -15.61 23.98 -0.88
C THR A 114 -14.33 23.90 -1.70
N PHE A 115 -14.51 23.98 -3.02
CA PHE A 115 -13.40 23.99 -3.96
C PHE A 115 -13.51 25.24 -4.83
N GLY A 116 -12.42 25.99 -4.96
CA GLY A 116 -12.39 27.12 -5.88
C GLY A 116 -11.05 27.24 -6.56
N ASN A 117 -11.07 27.84 -7.75
CA ASN A 117 -9.86 28.22 -8.44
C ASN A 117 -9.55 29.69 -8.17
N TYR A 118 -8.27 30.00 -8.09
CA TYR A 118 -7.80 31.39 -8.18
C TYR A 118 -6.66 31.46 -9.18
N SER A 119 -6.49 32.62 -9.79
CA SER A 119 -5.43 32.78 -10.79
C SER A 119 -4.48 33.95 -10.55
N GLN A 120 -4.89 34.92 -9.73
CA GLN A 120 -4.12 36.15 -9.55
C GLN A 120 -3.80 36.42 -8.09
N ASP A 121 -2.62 36.97 -7.83
CA ASP A 121 -2.24 37.32 -6.47
C ASP A 121 -2.63 38.77 -6.13
N ARG A 122 -3.05 39.51 -7.14
CA ARG A 122 -3.59 40.87 -6.97
C ARG A 122 -4.26 41.20 -8.30
N PRO A 123 -5.17 42.19 -8.31
CA PRO A 123 -6.00 42.37 -9.50
C PRO A 123 -5.18 42.61 -10.78
N GLY A 124 -5.49 41.86 -11.82
CA GLY A 124 -4.83 42.02 -13.10
C GLY A 124 -3.45 41.41 -13.21
N HIS A 125 -3.07 40.56 -12.25
CA HIS A 125 -1.73 40.02 -12.21
C HIS A 125 -1.75 38.53 -11.95
N TYR A 126 -1.49 37.77 -12.99
CA TYR A 126 -1.54 36.32 -12.90
C TYR A 126 -0.38 35.75 -12.10
N ASP A 127 -0.69 34.74 -11.29
CA ASP A 127 0.22 34.05 -10.40
C ASP A 127 0.65 32.69 -11.00
N TYR A 128 1.93 32.57 -11.38
CA TYR A 128 2.44 31.32 -11.95
C TYR A 128 3.28 30.52 -10.94
N GLY A 129 3.27 30.94 -9.68
CA GLY A 129 4.23 30.45 -8.69
C GLY A 129 3.65 29.49 -7.65
N THR A 130 2.36 29.65 -7.33
CA THR A 130 1.75 28.86 -6.25
C THR A 130 0.92 27.71 -6.79
N GLN A 131 0.57 26.78 -5.89
CA GLN A 131 -0.16 25.59 -6.26
C GLN A 131 -1.56 25.52 -5.68
N ALA A 132 -1.64 25.46 -4.36
CA ALA A 132 -2.94 25.22 -3.69
C ALA A 132 -2.80 25.40 -2.20
N TYR A 133 -3.93 25.55 -1.51
CA TYR A 133 -3.95 25.64 -0.07
C TYR A 133 -5.35 25.41 0.47
N ALA A 134 -5.45 25.21 1.77
CA ALA A 134 -6.70 24.84 2.41
C ALA A 134 -6.63 25.15 3.89
N PHE A 135 -7.81 25.22 4.51
CA PHE A 135 -7.90 25.49 5.95
C PHE A 135 -8.45 24.28 6.71
N LEU A 136 -7.77 23.96 7.80
CA LEU A 136 -8.19 22.89 8.70
C LEU A 136 -9.47 23.25 9.43
N PRO A 137 -10.18 22.23 9.93
CA PRO A 137 -11.39 22.48 10.72
C PRO A 137 -11.11 23.39 11.88
N ASN A 138 -12.08 24.24 12.16
CA ASN A 138 -12.05 25.13 13.32
CA ASN A 138 -12.04 25.14 13.33
C ASN A 138 -10.94 26.18 13.24
N THR A 139 -10.69 26.65 12.02
CA THR A 139 -9.78 27.76 11.79
C THR A 139 -10.60 29.05 11.84
N ILE A 140 -10.58 29.72 12.99
CA ILE A 140 -11.46 30.87 13.20
C ILE A 140 -10.76 32.16 12.84
N TRP A 141 -11.39 32.93 11.96
CA TRP A 141 -10.80 34.15 11.45
C TRP A 141 -11.91 35.19 11.39
N GLN A 142 -11.73 36.28 12.13
CA GLN A 142 -12.73 37.34 12.18
C GLN A 142 -14.09 36.76 12.52
N GLY A 143 -14.10 35.81 13.46
CA GLY A 143 -15.32 35.25 13.98
C GLY A 143 -15.91 34.11 13.17
N GLN A 144 -15.34 33.85 11.99
CA GLN A 144 -15.88 32.87 11.06
C GLN A 144 -14.95 31.67 10.88
N ASP A 145 -15.52 30.49 10.73
CA ASP A 145 -14.76 29.25 10.55
C ASP A 145 -14.40 29.10 9.07
N LEU A 146 -13.10 29.20 8.77
CA LEU A 146 -12.61 29.02 7.39
C LEU A 146 -12.45 27.54 7.05
N GLY A 147 -12.58 26.67 8.04
CA GLY A 147 -12.35 25.25 7.82
C GLY A 147 -13.14 24.73 6.65
N GLY A 148 -12.47 23.94 5.81
CA GLY A 148 -13.12 23.31 4.68
C GLY A 148 -12.90 24.00 3.35
N GLN A 149 -12.49 25.27 3.38
CA GLN A 149 -12.17 25.97 2.13
C GLN A 149 -10.90 25.38 1.53
N THR A 150 -10.98 25.03 0.26
CA THR A 150 -9.79 24.62 -0.50
C THR A 150 -9.70 25.46 -1.79
N TRP A 151 -8.47 25.79 -2.15
CA TRP A 151 -8.18 26.77 -3.19
C TRP A 151 -7.02 26.28 -4.04
N TYR A 152 -7.15 26.44 -5.36
CA TYR A 152 -6.18 25.88 -6.30
C TYR A 152 -5.83 26.91 -7.36
N ASN A 153 -4.56 26.93 -7.76
CA ASN A 153 -4.09 27.86 -8.80
C ASN A 153 -4.30 27.27 -10.18
N VAL A 154 -5.38 27.66 -10.85
CA VAL A 154 -5.75 27.06 -12.12
C VAL A 154 -4.85 27.49 -13.30
N ASN A 155 -3.90 28.38 -13.06
CA ASN A 155 -2.85 28.63 -14.07
C ASN A 155 -1.96 27.40 -14.20
N GLN A 156 -1.88 26.56 -13.18
CA GLN A 156 -1.05 25.36 -13.26
C GLN A 156 -1.80 24.31 -14.05
N SER A 157 -1.16 23.76 -15.08
CA SER A 157 -1.87 22.83 -15.94
C SER A 157 -2.41 21.63 -15.19
N ASN A 158 -1.70 21.18 -14.16
CA ASN A 158 -2.13 20.01 -13.41
C ASN A 158 -3.43 20.28 -12.64
N VAL A 159 -3.61 21.52 -12.20
CA VAL A 159 -4.83 21.92 -11.49
C VAL A 159 -5.99 22.02 -12.48
N LYS A 160 -5.70 22.58 -13.66
CA LYS A 160 -6.72 22.69 -14.68
C LYS A 160 -7.12 21.34 -15.28
N HIS A 161 -6.16 20.41 -15.37
CA HIS A 161 -6.41 19.13 -16.02
C HIS A 161 -6.03 17.93 -15.18
N PRO A 162 -6.68 17.80 -14.01
CA PRO A 162 -6.33 16.72 -13.09
C PRO A 162 -6.62 15.32 -13.60
N ALA A 163 -7.49 15.16 -14.61
CA ALA A 163 -7.81 13.83 -15.11
C ALA A 163 -6.66 13.23 -15.95
N THR A 164 -5.79 14.10 -16.47
CA THR A 164 -4.65 13.65 -17.28
C THR A 164 -3.29 14.02 -16.69
N GLU A 165 -3.28 14.82 -15.62
CA GLU A 165 -2.05 15.23 -14.95
C GLU A 165 -2.17 14.85 -13.49
N ASP A 166 -1.52 13.74 -13.13
CA ASP A 166 -1.82 13.09 -11.87
C ASP A 166 -1.38 13.90 -10.64
N TYR A 167 -0.50 14.88 -10.79
CA TYR A 167 -0.21 15.74 -9.65
C TYR A 167 -1.43 16.59 -9.27
N GLY A 168 -2.28 16.90 -10.25
CA GLY A 168 -3.48 17.67 -9.97
C GLY A 168 -4.43 16.85 -9.09
N ARG A 169 -4.63 15.59 -9.44
CA ARG A 169 -5.50 14.72 -8.65
C ARG A 169 -4.92 14.55 -7.26
N GLN A 170 -3.61 14.37 -7.15
CA GLN A 170 -3.00 14.24 -5.84
C GLN A 170 -3.24 15.50 -5.02
N THR A 171 -3.09 16.66 -5.65
CA THR A 171 -3.27 17.93 -4.98
C THR A 171 -4.69 18.04 -4.42
N PHE A 172 -5.68 17.63 -5.19
CA PHE A 172 -7.07 17.60 -4.70
C PHE A 172 -7.17 16.74 -3.43
N THR A 173 -6.63 15.53 -3.50
CA THR A 173 -6.72 14.64 -2.34
C THR A 173 -6.00 15.25 -1.12
N HIS A 174 -4.84 15.85 -1.35
CA HIS A 174 -4.02 16.51 -0.33
C HIS A 174 -4.77 17.65 0.35
N GLU A 175 -5.34 18.55 -0.45
CA GLU A 175 -6.00 19.71 0.13
C GLU A 175 -7.30 19.29 0.85
N ILE A 176 -8.00 18.27 0.35
CA ILE A 176 -9.12 17.71 1.07
C ILE A 176 -8.61 17.17 2.41
N GLY A 177 -7.46 16.53 2.40
CA GLY A 177 -6.81 16.10 3.63
C GLY A 177 -6.74 17.20 4.67
N HIS A 178 -6.24 18.37 4.29
CA HIS A 178 -6.21 19.51 5.19
C HIS A 178 -7.62 19.88 5.67
N ALA A 179 -8.57 19.97 4.75
CA ALA A 179 -9.94 20.29 5.07
C ALA A 179 -10.55 19.34 6.11
N LEU A 180 -10.02 18.12 6.18
CA LEU A 180 -10.50 17.10 7.12
C LEU A 180 -9.77 17.14 8.46
N GLY A 181 -8.63 17.80 8.53
CA GLY A 181 -7.83 17.84 9.74
C GLY A 181 -6.39 17.37 9.69
N LEU A 182 -5.90 17.02 8.49
CA LEU A 182 -4.51 16.61 8.37
C LEU A 182 -3.56 17.78 8.08
N SER A 183 -2.38 17.74 8.67
CA SER A 183 -1.33 18.69 8.39
C SER A 183 -0.29 18.06 7.48
N HIS A 184 0.62 18.88 6.95
CA HIS A 184 1.86 18.34 6.40
C HIS A 184 2.51 17.58 7.54
N PRO A 185 3.31 16.54 7.23
CA PRO A 185 3.87 15.72 8.30
C PRO A 185 5.00 16.40 9.09
N GLY A 186 5.35 17.63 8.74
CA GLY A 186 6.31 18.41 9.52
C GLY A 186 6.05 19.89 9.32
N ASP A 187 6.59 20.70 10.24
CA ASP A 187 6.58 22.15 10.09
C ASP A 187 7.83 22.67 9.40
N TYR A 188 8.92 21.90 9.45
CA TYR A 188 10.16 22.24 8.74
C TYR A 188 10.73 23.56 9.21
N ASN A 189 10.67 23.81 10.51
CA ASN A 189 11.13 25.10 11.05
C ASN A 189 12.57 25.42 10.74
N ALA A 190 13.45 24.43 10.83
CA ALA A 190 14.89 24.66 10.60
C ALA A 190 15.23 25.07 9.17
N GLY A 191 14.27 24.93 8.26
CA GLY A 191 14.48 25.31 6.86
C GLY A 191 14.27 26.79 6.61
N GLU A 192 13.71 27.48 7.61
CA GLU A 192 13.51 28.92 7.53
C GLU A 192 13.04 29.36 6.14
N GLY A 193 11.85 28.92 5.75
CA GLY A 193 11.26 29.38 4.50
C GLY A 193 11.81 28.73 3.24
N ASN A 194 12.93 28.01 3.34
CA ASN A 194 13.43 27.22 2.21
C ASN A 194 13.70 25.78 2.61
N PRO A 195 12.65 25.08 3.04
CA PRO A 195 12.84 23.75 3.63
C PRO A 195 13.19 22.68 2.61
N THR A 196 13.83 21.63 3.10
CA THR A 196 14.07 20.43 2.30
C THR A 196 13.75 19.22 3.14
N TYR A 197 13.91 18.04 2.57
CA TYR A 197 13.67 16.81 3.32
C TYR A 197 14.56 16.74 4.57
N ASN A 198 15.61 17.39 4.54
CA ASN A 198 16.50 17.41 5.69
C ASN A 198 15.91 18.04 6.94
N ASP A 199 14.81 18.76 6.78
CA ASP A 199 14.14 19.43 7.89
C ASP A 199 12.93 18.64 8.43
N VAL A 200 12.73 17.42 7.96
CA VAL A 200 11.63 16.64 8.50
C VAL A 200 11.79 16.31 9.98
N THR A 201 10.65 16.07 10.62
CA THR A 201 10.60 15.59 12.00
C THR A 201 10.81 14.08 12.07
N TYR A 202 10.32 13.36 11.06
CA TYR A 202 10.51 11.91 11.03
C TYR A 202 10.82 11.45 9.61
N ALA A 203 11.54 10.33 9.52
CA ALA A 203 12.11 9.86 8.26
C ALA A 203 11.05 9.56 7.20
N GLU A 204 9.91 9.05 7.63
CA GLU A 204 8.84 8.64 6.73
C GLU A 204 7.94 9.77 6.25
N ASP A 205 8.36 11.02 6.47
CA ASP A 205 7.71 12.17 5.84
C ASP A 205 8.19 12.26 4.38
N THR A 206 7.66 11.39 3.54
CA THR A 206 7.87 11.43 2.09
C THR A 206 6.59 10.93 1.41
N ARG A 207 6.51 11.16 0.11
CA ARG A 207 5.38 10.76 -0.70
C ARG A 207 5.28 9.25 -0.88
N GLN A 208 6.23 8.49 -0.34
CA GLN A 208 6.08 7.03 -0.29
C GLN A 208 5.01 6.66 0.75
N PHE A 209 4.94 7.45 1.81
CA PHE A 209 4.13 7.14 2.99
C PHE A 209 2.89 8.03 3.15
N SER A 210 2.96 9.27 2.63
CA SER A 210 1.87 10.22 2.82
C SER A 210 1.80 11.18 1.65
N LEU A 211 0.61 11.39 1.10
CA LEU A 211 0.50 12.41 0.06
C LEU A 211 0.30 13.79 0.69
N MET A 212 0.29 13.88 2.02
CA MET A 212 0.43 15.19 2.68
C MET A 212 1.85 15.73 2.65
N SER A 213 2.81 14.90 2.26
CA SER A 213 4.20 15.31 2.13
C SER A 213 4.48 15.91 0.75
N TYR A 214 5.45 16.81 0.69
CA TYR A 214 5.95 17.35 -0.58
C TYR A 214 7.30 16.73 -0.93
N TRP A 215 7.84 15.87 -0.07
CA TRP A 215 9.17 15.31 -0.31
C TRP A 215 9.11 14.03 -1.15
N SER A 216 10.02 13.92 -2.11
CA SER A 216 10.03 12.76 -2.98
C SER A 216 10.15 11.46 -2.21
N GLU A 217 9.42 10.47 -2.73
CA GLU A 217 9.56 9.11 -2.26
C GLU A 217 11.00 8.58 -2.33
N THR A 218 11.84 9.16 -3.18
CA THR A 218 13.22 8.72 -3.29
C THR A 218 14.01 8.94 -2.00
N ASN A 219 13.56 9.87 -1.17
CA ASN A 219 14.24 10.10 0.10
C ASN A 219 14.21 8.89 1.03
N THR A 220 13.19 8.04 0.87
CA THR A 220 13.07 6.82 1.66
C THR A 220 13.34 5.58 0.82
N GLY A 221 13.83 5.76 -0.40
CA GLY A 221 14.17 4.63 -1.25
C GLY A 221 13.05 4.14 -2.14
N GLY A 222 11.94 4.86 -2.18
CA GLY A 222 10.86 4.60 -3.11
C GLY A 222 11.19 5.11 -4.49
N ASP A 223 10.42 4.68 -5.49
CA ASP A 223 10.58 5.21 -6.85
C ASP A 223 9.23 5.04 -7.54
N ASN A 224 8.52 6.14 -7.73
CA ASN A 224 7.20 6.09 -8.33
C ASN A 224 7.19 6.37 -9.81
N GLY A 225 8.37 6.34 -10.42
CA GLY A 225 8.42 6.34 -11.88
C GLY A 225 7.88 7.60 -12.54
N GLY A 226 7.92 8.71 -11.83
CA GLY A 226 7.41 9.97 -12.37
C GLY A 226 5.93 10.22 -12.12
N HIS A 227 5.27 9.28 -11.44
CA HIS A 227 3.85 9.35 -11.15
C HIS A 227 3.59 9.78 -9.70
N TYR A 228 2.35 10.17 -9.45
CA TYR A 228 1.92 10.64 -8.14
C TYR A 228 0.66 9.89 -7.71
N ALA A 229 0.68 9.40 -6.47
CA ALA A 229 -0.46 8.69 -5.89
C ALA A 229 -1.71 9.54 -5.89
N ALA A 230 -2.83 8.94 -6.29
CA ALA A 230 -4.11 9.62 -6.34
C ALA A 230 -4.81 9.65 -5.00
N ALA A 231 -4.55 8.66 -4.15
CA ALA A 231 -5.41 8.39 -3.00
C ALA A 231 -4.58 8.24 -1.75
N PRO A 232 -5.22 8.38 -0.58
CA PRO A 232 -4.49 8.33 0.67
C PRO A 232 -3.53 7.15 0.78
N LEU A 233 -2.33 7.47 1.25
CA LEU A 233 -1.27 6.49 1.39
C LEU A 233 -1.23 5.92 2.82
N LEU A 234 -0.27 5.06 3.12
CA LEU A 234 -0.33 4.26 4.34
C LEU A 234 -0.50 5.10 5.61
N ASP A 235 0.30 6.16 5.73
CA ASP A 235 0.28 6.97 6.94
C ASP A 235 -0.91 7.94 6.92
N ASP A 236 -1.39 8.31 5.73
CA ASP A 236 -2.62 9.09 5.62
C ASP A 236 -3.82 8.29 6.13
N ILE A 237 -3.83 6.98 5.84
CA ILE A 237 -4.91 6.12 6.31
C ILE A 237 -4.89 6.07 7.83
N ALA A 238 -3.72 5.90 8.43
CA ALA A 238 -3.63 5.91 9.88
C ALA A 238 -4.16 7.23 10.43
N ALA A 239 -3.76 8.33 9.80
CA ALA A 239 -4.18 9.65 10.27
C ALA A 239 -5.69 9.83 10.25
N ILE A 240 -6.31 9.59 9.10
CA ILE A 240 -7.72 9.86 8.94
C ILE A 240 -8.57 8.86 9.72
N GLN A 241 -8.09 7.64 9.90
CA GLN A 241 -8.83 6.67 10.71
C GLN A 241 -8.73 7.05 12.20
N HIS A 242 -7.63 7.66 12.61
CA HIS A 242 -7.55 8.21 13.96
C HIS A 242 -8.62 9.28 14.14
N LEU A 243 -8.79 10.14 13.14
CA LEU A 243 -9.78 11.21 13.26
C LEU A 243 -11.23 10.76 13.23
N TYR A 244 -11.58 9.88 12.28
CA TYR A 244 -13.00 9.58 12.04
C TYR A 244 -13.35 8.10 12.04
N GLY A 245 -12.40 7.27 12.46
CA GLY A 245 -12.64 5.83 12.54
C GLY A 245 -12.45 5.12 11.20
N ALA A 246 -12.16 3.83 11.25
CA ALA A 246 -11.96 3.01 10.07
C ALA A 246 -13.28 2.61 9.44
N ASN A 247 -13.35 2.64 8.11
CA ASN A 247 -14.58 2.28 7.40
C ASN A 247 -14.66 0.77 7.20
N LEU A 248 -15.43 0.13 8.06
CA LEU A 248 -15.55 -1.33 8.04
C LEU A 248 -16.50 -1.87 6.98
N SER A 249 -17.08 -1.00 6.16
CA SER A 249 -18.00 -1.41 5.11
CA SER A 249 -18.01 -1.38 5.12
C SER A 249 -17.34 -1.49 3.74
N THR A 250 -16.08 -1.09 3.65
CA THR A 250 -15.45 -0.95 2.34
C THR A 250 -14.89 -2.24 1.77
N ARG A 251 -15.33 -2.54 0.55
CA ARG A 251 -14.85 -3.69 -0.21
C ARG A 251 -14.85 -4.98 0.63
N THR A 252 -15.99 -5.25 1.27
CA THR A 252 -16.11 -6.43 2.12
C THR A 252 -16.31 -7.75 1.36
N GLY A 253 -16.55 -7.68 0.07
CA GLY A 253 -16.58 -8.89 -0.76
C GLY A 253 -15.19 -9.29 -1.22
N ASP A 254 -15.13 -10.25 -2.13
CA ASP A 254 -13.87 -10.76 -2.65
C ASP A 254 -13.36 -9.76 -3.68
N THR A 255 -12.25 -9.11 -3.37
CA THR A 255 -11.80 -7.96 -4.13
C THR A 255 -10.50 -8.24 -4.87
N VAL A 256 -10.48 -7.90 -6.14
CA VAL A 256 -9.26 -7.99 -6.94
C VAL A 256 -8.71 -6.58 -7.22
N TYR A 257 -7.44 -6.39 -6.84
CA TYR A 257 -6.69 -5.15 -7.04
C TYR A 257 -5.71 -5.33 -8.19
N GLY A 258 -5.51 -4.28 -8.98
CA GLY A 258 -4.55 -4.34 -10.06
C GLY A 258 -5.19 -4.63 -11.40
N PHE A 259 -4.71 -5.68 -12.05
CA PHE A 259 -5.34 -6.18 -13.27
C PHE A 259 -6.63 -6.92 -12.96
N ASN A 260 -7.58 -6.88 -13.90
CA ASN A 260 -8.84 -7.58 -13.74
C ASN A 260 -9.57 -7.13 -12.48
N SER A 261 -9.47 -5.84 -12.18
CA SER A 261 -9.98 -5.35 -10.90
C SER A 261 -11.49 -5.26 -10.88
N ASN A 262 -12.08 -5.53 -9.71
CA ASN A 262 -13.49 -5.25 -9.48
C ASN A 262 -13.70 -4.17 -8.41
N THR A 263 -12.69 -3.32 -8.20
CA THR A 263 -12.77 -2.27 -7.20
C THR A 263 -13.63 -1.08 -7.61
N GLY A 264 -13.72 -0.83 -8.91
CA GLY A 264 -14.38 0.38 -9.35
C GLY A 264 -13.67 1.65 -8.90
N ARG A 265 -12.35 1.56 -8.74
CA ARG A 265 -11.52 2.71 -8.40
C ARG A 265 -10.35 2.81 -9.38
N ASP A 266 -10.19 3.98 -9.99
CA ASP A 266 -9.14 4.15 -10.96
C ASP A 266 -7.77 3.86 -10.36
N PHE A 267 -7.56 4.29 -9.13
CA PHE A 267 -6.23 4.21 -8.52
C PHE A 267 -5.90 2.80 -7.99
N LEU A 268 -6.88 1.90 -8.01
CA LEU A 268 -6.65 0.51 -7.59
C LEU A 268 -6.64 -0.44 -8.78
N SER A 269 -6.71 0.10 -9.99
CA SER A 269 -6.92 -0.69 -11.19
C SER A 269 -5.92 -0.35 -12.30
N THR A 270 -5.64 -1.33 -13.13
CA THR A 270 -4.89 -1.10 -14.37
C THR A 270 -5.38 -2.03 -15.46
N THR A 271 -5.25 -1.60 -16.71
CA THR A 271 -5.56 -2.46 -17.84
C THR A 271 -4.40 -2.62 -18.80
N SER A 272 -3.20 -2.19 -18.40
CA SER A 272 -2.03 -2.36 -19.25
C SER A 272 -0.72 -2.27 -18.50
N ASN A 273 0.31 -2.87 -19.07
CA ASN A 273 1.62 -2.83 -18.49
C ASN A 273 2.06 -1.38 -18.27
N SER A 274 1.72 -0.48 -19.19
CA SER A 274 2.18 0.90 -19.09
CA SER A 274 2.17 0.90 -19.10
C SER A 274 1.48 1.70 -18.01
N GLN A 275 0.32 1.23 -17.58
CA GLN A 275 -0.47 1.94 -16.57
C GLN A 275 -0.04 1.42 -15.19
N LYS A 276 0.68 2.27 -14.45
CA LYS A 276 1.31 1.90 -13.20
C LYS A 276 0.45 2.26 -12.01
N VAL A 277 0.23 1.30 -11.13
CA VAL A 277 -0.51 1.57 -9.92
C VAL A 277 0.38 2.06 -8.79
N ILE A 278 -0.18 2.96 -7.98
CA ILE A 278 0.42 3.38 -6.72
C ILE A 278 -0.72 3.49 -5.74
N PHE A 279 -0.71 2.69 -4.68
CA PHE A 279 -1.81 2.72 -3.72
C PHE A 279 -1.43 2.09 -2.39
N ALA A 280 -2.21 2.45 -1.38
CA ALA A 280 -2.25 1.76 -0.10
C ALA A 280 -3.63 1.15 0.01
N ALA A 281 -3.68 -0.18 0.13
CA ALA A 281 -4.94 -0.90 0.11
C ALA A 281 -5.65 -0.94 1.45
N TRP A 282 -6.88 -0.45 1.47
CA TRP A 282 -7.80 -0.62 2.58
C TRP A 282 -8.91 -1.53 2.12
N ASP A 283 -9.17 -2.57 2.91
CA ASP A 283 -10.13 -3.59 2.53
C ASP A 283 -10.65 -4.19 3.84
N ALA A 284 -11.98 -4.26 4.01
CA ALA A 284 -12.57 -4.61 5.30
C ALA A 284 -13.14 -6.03 5.39
N GLY A 285 -12.99 -6.84 4.35
CA GLY A 285 -13.38 -8.23 4.42
C GLY A 285 -13.29 -8.97 3.10
N GLY A 286 -13.44 -10.28 3.16
CA GLY A 286 -13.49 -11.08 1.96
C GLY A 286 -12.15 -11.67 1.60
N ASN A 287 -12.17 -12.45 0.52
CA ASN A 287 -10.98 -13.10 -0.02
C ASN A 287 -10.50 -12.34 -1.22
N ASP A 288 -9.34 -11.71 -1.06
CA ASP A 288 -8.87 -10.66 -1.96
C ASP A 288 -7.57 -11.05 -2.63
N THR A 289 -7.32 -10.43 -3.78
CA THR A 289 -6.18 -10.77 -4.62
C THR A 289 -5.50 -9.50 -5.13
N PHE A 290 -4.17 -9.48 -5.01
CA PHE A 290 -3.30 -8.52 -5.70
C PHE A 290 -2.90 -9.17 -7.03
N ASP A 291 -3.58 -8.78 -8.11
CA ASP A 291 -3.35 -9.35 -9.44
C ASP A 291 -2.43 -8.43 -10.22
N PHE A 292 -1.16 -8.78 -10.26
CA PHE A 292 -0.18 -7.96 -10.97
C PHE A 292 0.38 -8.77 -12.15
N SER A 293 -0.51 -9.55 -12.76
CA SER A 293 -0.18 -10.49 -13.83
C SER A 293 0.24 -9.84 -15.12
N GLY A 294 -0.23 -8.62 -15.38
CA GLY A 294 0.01 -7.95 -16.64
C GLY A 294 1.26 -7.12 -16.71
N TYR A 295 2.07 -7.13 -15.65
CA TYR A 295 3.32 -6.38 -15.64
C TYR A 295 4.50 -7.26 -16.04
N THR A 296 5.46 -6.69 -16.76
CA THR A 296 6.63 -7.43 -17.19
C THR A 296 7.86 -7.26 -16.28
N ALA A 297 7.86 -6.21 -15.46
CA ALA A 297 8.99 -6.00 -14.57
C ALA A 297 9.12 -7.09 -13.55
N ASN A 298 10.31 -7.22 -12.97
CA ASN A 298 10.50 -8.06 -11.80
C ASN A 298 9.80 -7.38 -10.65
N GLN A 299 8.91 -8.11 -9.97
CA GLN A 299 8.11 -7.54 -8.92
C GLN A 299 8.39 -8.21 -7.59
N ARG A 300 8.08 -7.50 -6.51
CA ARG A 300 8.16 -8.08 -5.18
C ARG A 300 6.86 -7.76 -4.47
N ILE A 301 6.14 -8.78 -4.07
CA ILE A 301 4.80 -8.63 -3.52
C ILE A 301 4.79 -9.21 -2.11
N ASN A 302 4.47 -8.37 -1.14
CA ASN A 302 4.38 -8.79 0.25
C ASN A 302 2.94 -8.61 0.73
N LEU A 303 2.30 -9.68 1.18
CA LEU A 303 0.92 -9.61 1.61
C LEU A 303 0.74 -9.33 3.10
N ASN A 304 1.82 -8.95 3.79
CA ASN A 304 1.71 -8.59 5.20
C ASN A 304 1.21 -7.17 5.43
N GLU A 305 0.38 -7.00 6.46
CA GLU A 305 -0.10 -5.65 6.80
C GLU A 305 1.07 -4.70 7.02
N LYS A 306 0.84 -3.46 6.58
CA LYS A 306 1.78 -2.35 6.68
C LYS A 306 3.03 -2.49 5.81
N SER A 307 3.08 -3.53 4.98
CA SER A 307 4.30 -3.80 4.20
C SER A 307 4.22 -3.22 2.80
N PHE A 308 5.40 -3.03 2.24
CA PHE A 308 5.57 -2.45 0.91
C PHE A 308 5.94 -3.48 -0.12
N SER A 309 5.41 -3.25 -1.32
CA SER A 309 5.69 -4.08 -2.48
C SER A 309 6.28 -3.21 -3.61
N ASP A 310 7.01 -3.86 -4.50
CA ASP A 310 7.58 -3.24 -5.70
C ASP A 310 6.81 -3.78 -6.87
N VAL A 311 5.94 -2.98 -7.45
CA VAL A 311 4.94 -3.42 -8.40
C VAL A 311 5.02 -2.65 -9.71
N GLY A 312 5.02 -3.37 -10.83
CA GLY A 312 4.94 -2.75 -12.14
C GLY A 312 6.19 -1.97 -12.55
N GLY A 313 7.32 -2.26 -11.94
CA GLY A 313 8.55 -1.56 -12.24
C GLY A 313 8.82 -0.32 -11.42
N LEU A 314 7.94 -0.09 -10.44
CA LEU A 314 8.13 0.96 -9.43
C LEU A 314 8.71 0.32 -8.17
N LYS A 315 9.12 1.16 -7.22
CA LYS A 315 9.64 0.65 -5.95
C LYS A 315 8.85 1.22 -4.78
N GLY A 316 8.35 0.34 -3.94
CA GLY A 316 7.70 0.77 -2.71
C GLY A 316 6.42 1.55 -2.98
N ASN A 317 5.73 1.18 -4.05
CA ASN A 317 4.57 1.87 -4.55
C ASN A 317 3.23 1.27 -4.17
N VAL A 318 3.23 0.04 -3.67
CA VAL A 318 2.01 -0.63 -3.23
C VAL A 318 2.23 -1.02 -1.78
N SER A 319 1.21 -0.80 -0.96
CA SER A 319 1.26 -1.19 0.46
C SER A 319 -0.13 -1.63 0.91
N ILE A 320 -0.16 -2.26 2.09
CA ILE A 320 -1.39 -2.76 2.70
C ILE A 320 -1.57 -2.04 4.04
N ALA A 321 -2.74 -1.45 4.25
CA ALA A 321 -3.02 -0.72 5.48
C ALA A 321 -3.01 -1.62 6.71
N ALA A 322 -2.74 -1.02 7.86
CA ALA A 322 -2.87 -1.74 9.12
C ALA A 322 -4.24 -2.33 9.25
N GLY A 323 -4.26 -3.57 9.71
CA GLY A 323 -5.50 -4.26 10.00
C GLY A 323 -6.14 -4.99 8.83
N VAL A 324 -5.50 -4.94 7.67
CA VAL A 324 -6.07 -5.49 6.45
C VAL A 324 -5.39 -6.82 6.13
N THR A 325 -6.23 -7.82 5.80
CA THR A 325 -5.74 -9.12 5.33
C THR A 325 -6.03 -9.31 3.84
N ILE A 326 -4.96 -9.33 3.04
CA ILE A 326 -5.06 -9.64 1.61
C ILE A 326 -4.57 -11.09 1.47
N GLU A 327 -5.32 -11.92 0.74
CA GLU A 327 -5.12 -13.37 0.76
C GLU A 327 -4.25 -13.88 -0.36
N ASN A 328 -4.38 -13.32 -1.57
CA ASN A 328 -3.79 -13.93 -2.76
C ASN A 328 -2.95 -12.94 -3.55
N ALA A 329 -1.97 -13.46 -4.28
CA ALA A 329 -1.13 -12.61 -5.12
C ALA A 329 -0.78 -13.32 -6.40
N ILE A 330 -0.74 -12.54 -7.48
CA ILE A 330 -0.37 -13.07 -8.78
C ILE A 330 0.72 -12.20 -9.37
N GLY A 331 1.88 -12.80 -9.62
CA GLY A 331 3.00 -12.11 -10.23
C GLY A 331 2.81 -12.00 -11.72
N GLY A 332 3.79 -11.35 -12.35
CA GLY A 332 3.77 -11.14 -13.77
C GLY A 332 4.80 -12.00 -14.47
N SER A 333 5.14 -11.62 -15.69
CA SER A 333 6.07 -12.43 -16.48
C SER A 333 7.54 -12.21 -16.06
N GLY A 334 7.80 -11.27 -15.14
CA GLY A 334 9.12 -11.08 -14.59
C GLY A 334 9.48 -12.08 -13.51
N ASN A 335 10.69 -11.93 -12.98
CA ASN A 335 11.21 -12.77 -11.94
C ASN A 335 10.81 -12.14 -10.63
N ASP A 336 9.85 -12.75 -9.95
CA ASP A 336 9.17 -12.10 -8.83
C ASP A 336 9.53 -12.75 -7.50
N VAL A 337 9.33 -12.00 -6.42
CA VAL A 337 9.41 -12.54 -5.08
C VAL A 337 8.04 -12.30 -4.46
N ILE A 338 7.39 -13.35 -3.97
CA ILE A 338 6.03 -13.25 -3.51
C ILE A 338 5.94 -13.89 -2.12
N VAL A 339 5.59 -13.05 -1.15
CA VAL A 339 5.57 -13.43 0.26
C VAL A 339 4.18 -13.33 0.84
N GLY A 340 3.67 -14.45 1.35
CA GLY A 340 2.37 -14.49 1.97
C GLY A 340 2.38 -14.09 3.43
N ASN A 341 1.26 -14.38 4.09
CA ASN A 341 1.07 -14.01 5.46
C ASN A 341 0.52 -15.22 6.22
N ALA A 342 0.02 -15.05 7.43
CA ALA A 342 -0.39 -16.18 8.25
C ALA A 342 -1.66 -16.85 7.76
N ALA A 343 -2.41 -16.18 6.89
CA ALA A 343 -3.63 -16.75 6.33
C ALA A 343 -3.29 -17.73 5.23
N ASN A 344 -4.29 -18.50 4.81
CA ASN A 344 -4.18 -19.33 3.61
C ASN A 344 -4.06 -18.39 2.40
N ASN A 345 -3.00 -18.56 1.62
CA ASN A 345 -2.73 -17.73 0.46
C ASN A 345 -2.63 -18.56 -0.80
N VAL A 346 -3.19 -18.06 -1.88
CA VAL A 346 -2.90 -18.61 -3.20
C VAL A 346 -1.88 -17.67 -3.81
N LEU A 347 -0.70 -18.20 -4.11
CA LEU A 347 0.39 -17.42 -4.67
C LEU A 347 0.73 -18.00 -6.01
N LYS A 348 0.76 -17.16 -7.03
CA LYS A 348 1.04 -17.58 -8.39
C LYS A 348 2.17 -16.74 -8.97
N GLY A 349 3.26 -17.38 -9.36
CA GLY A 349 4.41 -16.67 -9.89
C GLY A 349 4.27 -16.19 -11.32
N GLY A 350 3.48 -16.89 -12.12
CA GLY A 350 3.45 -16.64 -13.55
C GLY A 350 4.76 -17.04 -14.21
N ALA A 351 4.95 -16.55 -15.43
CA ALA A 351 6.20 -16.78 -16.14
C ALA A 351 7.35 -16.12 -15.37
N GLY A 352 8.59 -16.44 -15.75
CA GLY A 352 9.73 -15.96 -15.01
C GLY A 352 10.12 -16.87 -13.87
N ASN A 353 11.29 -16.60 -13.32
CA ASN A 353 11.85 -17.39 -12.25
C ASN A 353 11.50 -16.71 -10.94
N ASP A 354 10.53 -17.29 -10.26
CA ASP A 354 9.89 -16.67 -9.11
C ASP A 354 10.30 -17.35 -7.81
N VAL A 355 10.19 -16.61 -6.71
CA VAL A 355 10.41 -17.14 -5.39
C VAL A 355 9.10 -16.97 -4.63
N LEU A 356 8.55 -18.06 -4.11
CA LEU A 356 7.27 -18.04 -3.42
C LEU A 356 7.44 -18.51 -1.99
N PHE A 357 6.78 -17.82 -1.06
CA PHE A 357 6.88 -18.11 0.36
C PHE A 357 5.49 -17.98 0.96
N GLY A 358 4.86 -19.09 1.32
CA GLY A 358 3.52 -19.02 1.85
C GLY A 358 3.41 -18.57 3.30
N GLY A 359 4.43 -18.85 4.09
CA GLY A 359 4.35 -18.59 5.51
C GLY A 359 3.31 -19.47 6.17
N GLY A 360 2.65 -18.94 7.21
CA GLY A 360 1.69 -19.72 7.97
C GLY A 360 0.43 -20.03 7.21
N GLY A 361 -0.39 -20.92 7.78
CA GLY A 361 -1.62 -21.34 7.12
C GLY A 361 -1.38 -22.36 6.03
N ALA A 362 -2.46 -22.76 5.36
CA ALA A 362 -2.43 -23.76 4.31
C ALA A 362 -2.48 -23.03 2.99
N ASP A 363 -1.32 -22.95 2.36
CA ASP A 363 -1.17 -22.17 1.15
C ASP A 363 -1.20 -23.01 -0.09
N GLU A 364 -1.50 -22.38 -1.22
CA GLU A 364 -1.57 -23.04 -2.51
C GLU A 364 -0.59 -22.29 -3.40
N LEU A 365 0.44 -22.98 -3.86
CA LEU A 365 1.56 -22.32 -4.51
C LEU A 365 1.68 -22.82 -5.95
N TRP A 366 1.73 -21.88 -6.90
CA TRP A 366 1.87 -22.19 -8.31
C TRP A 366 3.09 -21.43 -8.83
N GLY A 367 4.15 -22.13 -9.17
CA GLY A 367 5.31 -21.45 -9.72
C GLY A 367 5.05 -20.85 -11.08
N GLY A 368 4.20 -21.50 -11.86
CA GLY A 368 4.03 -21.14 -13.26
C GLY A 368 5.18 -21.66 -14.11
N ALA A 369 5.31 -21.14 -15.32
CA ALA A 369 6.47 -21.41 -16.12
C ALA A 369 7.71 -20.81 -15.47
N GLY A 370 8.88 -21.29 -15.88
CA GLY A 370 10.14 -20.81 -15.32
C GLY A 370 10.69 -21.66 -14.20
N LYS A 371 11.86 -21.29 -13.70
CA LYS A 371 12.57 -22.02 -12.68
C LYS A 371 12.22 -21.38 -11.36
N ASP A 372 11.25 -21.97 -10.67
CA ASP A 372 10.70 -21.36 -9.47
C ASP A 372 11.23 -22.00 -8.21
N ILE A 373 11.15 -21.27 -7.10
CA ILE A 373 11.68 -21.72 -5.83
C ILE A 373 10.60 -21.52 -4.78
N PHE A 374 10.29 -22.59 -4.04
CA PHE A 374 9.28 -22.59 -3.00
C PHE A 374 10.00 -22.68 -1.66
N VAL A 375 9.83 -21.65 -0.84
CA VAL A 375 10.66 -21.47 0.35
C VAL A 375 9.88 -21.76 1.63
N PHE A 376 10.53 -22.46 2.56
CA PHE A 376 9.95 -22.80 3.86
C PHE A 376 10.93 -22.50 4.98
N SER A 377 10.45 -21.96 6.10
CA SER A 377 11.35 -21.61 7.18
C SER A 377 10.79 -21.91 8.57
N ALA A 378 9.69 -22.63 8.65
CA ALA A 378 9.18 -23.09 9.94
C ALA A 378 8.30 -24.31 9.72
N ALA A 379 8.27 -25.21 10.70
CA ALA A 379 7.36 -26.35 10.60
C ALA A 379 5.92 -25.87 10.43
N SER A 380 5.56 -24.82 11.14
CA SER A 380 4.20 -24.28 11.08
C SER A 380 3.83 -23.71 9.72
N ASP A 381 4.80 -23.54 8.82
CA ASP A 381 4.49 -23.14 7.45
C ASP A 381 3.53 -24.19 6.91
N SER A 382 3.86 -25.45 7.08
CA SER A 382 3.06 -26.50 6.47
C SER A 382 2.94 -27.59 7.53
N ALA A 383 1.92 -27.47 8.35
CA ALA A 383 1.73 -28.40 9.46
C ALA A 383 0.85 -29.51 8.92
N PRO A 384 1.05 -30.71 9.39
CA PRO A 384 0.14 -31.79 9.06
C PRO A 384 -1.27 -31.37 9.49
N GLY A 385 -2.22 -31.67 8.64
CA GLY A 385 -3.56 -31.17 8.80
C GLY A 385 -3.84 -29.80 8.22
N ALA A 386 -2.80 -29.16 7.72
CA ALA A 386 -2.95 -27.84 7.10
C ALA A 386 -1.84 -27.61 6.09
N SER A 387 -1.52 -28.68 5.38
CA SER A 387 -0.40 -28.65 4.46
C SER A 387 -0.54 -27.66 3.35
N ASP A 388 0.58 -27.03 3.03
CA ASP A 388 0.73 -26.34 1.76
C ASP A 388 0.67 -27.34 0.63
N TRP A 389 0.15 -26.90 -0.51
CA TRP A 389 0.24 -27.63 -1.76
C TRP A 389 1.04 -26.84 -2.77
N ILE A 390 2.02 -27.47 -3.37
CA ILE A 390 2.70 -26.96 -4.56
C ILE A 390 2.01 -27.65 -5.73
N ARG A 391 1.33 -26.89 -6.52
CA ARG A 391 0.37 -27.46 -7.52
CA ARG A 391 0.38 -27.47 -7.52
C ARG A 391 0.95 -27.88 -9.00
N ASP A 392 2.15 -27.33 -9.23
CA ASP A 392 2.72 -27.39 -10.50
C ASP A 392 4.23 -27.71 -10.59
N PHE A 393 4.75 -28.37 -9.56
CA PHE A 393 6.14 -28.74 -9.54
C PHE A 393 6.75 -29.54 -10.73
N GLN A 394 7.87 -29.05 -11.28
CA GLN A 394 8.60 -29.73 -12.34
C GLN A 394 9.98 -30.13 -11.90
N LYS A 395 10.21 -31.42 -11.80
CA LYS A 395 11.51 -31.89 -11.39
C LYS A 395 12.56 -31.48 -12.36
N GLY A 396 13.72 -31.20 -11.80
CA GLY A 396 14.86 -30.67 -12.51
C GLY A 396 14.79 -29.22 -12.89
N ILE A 397 13.63 -28.62 -12.71
CA ILE A 397 13.43 -27.24 -13.07
C ILE A 397 13.12 -26.28 -11.89
N ASP A 398 12.21 -26.74 -11.07
CA ASP A 398 11.80 -26.01 -9.86
C ASP A 398 12.58 -26.55 -8.66
N LYS A 399 12.55 -25.82 -7.56
CA LYS A 399 13.23 -26.19 -6.36
C LYS A 399 12.45 -25.89 -5.05
N ILE A 400 12.74 -26.68 -4.04
CA ILE A 400 12.25 -26.44 -2.70
C ILE A 400 13.41 -26.00 -1.83
N ASP A 401 13.25 -24.83 -1.21
CA ASP A 401 14.33 -24.20 -0.45
C ASP A 401 14.04 -24.38 1.04
N LEU A 402 14.83 -25.25 1.67
CA LEU A 402 14.78 -25.52 3.10
C LEU A 402 16.03 -24.96 3.79
N SER A 403 16.74 -24.09 3.08
CA SER A 403 18.05 -23.64 3.53
C SER A 403 18.04 -22.87 4.85
N PHE A 404 16.91 -22.28 5.20
CA PHE A 404 16.85 -21.60 6.48
C PHE A 404 17.32 -22.50 7.62
N PHE A 405 16.93 -23.76 7.59
CA PHE A 405 17.08 -24.62 8.77
C PHE A 405 18.53 -24.93 9.10
N ASN A 406 19.33 -25.26 8.09
CA ASN A 406 20.74 -25.55 8.36
C ASN A 406 21.53 -24.30 8.68
N LYS A 407 21.12 -23.18 8.11
CA LYS A 407 21.74 -21.89 8.44
C LYS A 407 21.50 -21.57 9.92
N GLU A 408 20.26 -21.76 10.37
CA GLU A 408 19.91 -21.49 11.77
C GLU A 408 20.60 -22.45 12.72
N ALA A 409 20.70 -23.72 12.33
CA ALA A 409 21.35 -24.75 13.13
C ALA A 409 22.88 -24.63 13.04
N ASN A 410 23.35 -23.82 12.10
CA ASN A 410 24.77 -23.72 11.80
C ASN A 410 25.39 -25.10 11.63
N SER A 411 24.71 -25.94 10.86
CA SER A 411 25.15 -27.31 10.63
C SER A 411 24.62 -27.82 9.30
N SER A 412 25.54 -28.25 8.45
CA SER A 412 25.18 -28.84 7.17
C SER A 412 24.48 -30.18 7.30
N ASP A 413 24.42 -30.73 8.50
CA ASP A 413 23.95 -32.06 8.71
C ASP A 413 22.72 -32.10 9.61
N PHE A 414 21.99 -30.98 9.68
CA PHE A 414 20.77 -30.96 10.46
C PHE A 414 19.57 -31.45 9.60
N ILE A 415 19.28 -30.77 8.51
CA ILE A 415 18.34 -31.28 7.52
C ILE A 415 19.14 -32.25 6.67
N HIS A 416 18.64 -33.48 6.53
CA HIS A 416 19.21 -34.47 5.64
C HIS A 416 18.13 -35.49 5.30
N PHE A 417 18.26 -36.11 4.14
CA PHE A 417 17.22 -37.01 3.66
C PHE A 417 17.49 -38.45 4.10
N VAL A 418 16.43 -39.13 4.52
CA VAL A 418 16.48 -40.52 4.96
C VAL A 418 15.39 -41.33 4.26
N ASP A 419 15.48 -42.65 4.33
CA ASP A 419 14.48 -43.50 3.70
C ASP A 419 13.40 -43.95 4.69
N HIS A 420 13.63 -43.68 5.97
CA HIS A 420 12.65 -43.96 7.00
C HIS A 420 12.99 -43.09 8.20
N PHE A 421 11.97 -42.70 8.96
CA PHE A 421 12.18 -41.87 10.14
C PHE A 421 12.65 -42.67 11.34
N SER A 422 13.51 -42.07 12.15
CA SER A 422 14.00 -42.67 13.38
C SER A 422 13.64 -41.85 14.62
N GLY A 423 13.04 -40.67 14.42
CA GLY A 423 12.76 -39.76 15.51
C GLY A 423 13.79 -38.64 15.64
N THR A 424 14.91 -38.76 14.91
CA THR A 424 15.98 -37.78 14.95
C THR A 424 15.56 -36.49 14.26
N ALA A 425 15.64 -35.38 14.98
CA ALA A 425 15.38 -34.04 14.43
C ALA A 425 16.24 -33.76 13.20
N GLY A 426 15.61 -33.20 12.17
CA GLY A 426 16.30 -32.86 10.93
C GLY A 426 16.01 -33.80 9.78
N GLU A 427 15.54 -35.01 10.09
CA GLU A 427 15.27 -35.99 9.05
C GLU A 427 14.15 -35.52 8.12
N ALA A 428 14.41 -35.70 6.83
CA ALA A 428 13.46 -35.38 5.77
C ALA A 428 13.20 -36.64 4.96
N LEU A 429 11.95 -36.83 4.57
CA LEU A 429 11.53 -38.04 3.90
C LEU A 429 10.60 -37.68 2.74
N LEU A 430 10.95 -38.16 1.57
CA LEU A 430 10.13 -38.02 0.38
C LEU A 430 9.39 -39.32 0.12
N SER A 431 8.11 -39.20 -0.21
CA SER A 431 7.30 -40.36 -0.59
C SER A 431 6.53 -40.01 -1.86
N TYR A 432 6.71 -40.83 -2.89
CA TYR A 432 6.13 -40.58 -4.20
C TYR A 432 5.02 -41.55 -4.53
N ASN A 433 3.86 -41.02 -4.88
CA ASN A 433 2.72 -41.81 -5.34
C ASN A 433 2.54 -41.60 -6.83
N ALA A 434 3.01 -42.56 -7.61
CA ALA A 434 2.94 -42.48 -9.06
C ALA A 434 1.53 -42.62 -9.58
N SER A 435 0.65 -43.20 -8.78
CA SER A 435 -0.73 -43.33 -9.22
C SER A 435 -1.48 -42.02 -9.13
N SER A 436 -1.23 -41.23 -8.09
CA SER A 436 -1.91 -39.95 -7.95
C SER A 436 -1.09 -38.75 -8.42
N ASN A 437 0.17 -38.97 -8.78
CA ASN A 437 1.06 -37.88 -9.18
C ASN A 437 1.26 -36.87 -8.05
N VAL A 438 1.42 -37.40 -6.84
CA VAL A 438 1.60 -36.60 -5.64
C VAL A 438 2.83 -37.09 -4.89
N THR A 439 3.70 -36.15 -4.54
CA THR A 439 4.86 -36.42 -3.71
C THR A 439 4.65 -35.75 -2.36
N ASP A 440 4.91 -36.49 -1.28
CA ASP A 440 4.86 -35.94 0.07
C ASP A 440 6.27 -35.65 0.50
N LEU A 441 6.49 -34.43 1.01
CA LEU A 441 7.74 -34.08 1.66
C LEU A 441 7.46 -33.89 3.14
N SER A 442 8.00 -34.80 3.96
CA SER A 442 7.81 -34.75 5.40
C SER A 442 9.14 -34.45 6.06
N VAL A 443 9.11 -33.59 7.07
CA VAL A 443 10.32 -33.27 7.82
C VAL A 443 10.03 -33.28 9.30
N ASN A 444 10.96 -33.86 10.06
CA ASN A 444 10.90 -33.83 11.52
C ASN A 444 11.77 -32.71 12.07
N ILE A 445 11.21 -31.51 12.16
CA ILE A 445 11.98 -30.36 12.62
C ILE A 445 12.17 -30.37 14.12
N GLY A 446 11.09 -30.66 14.83
CA GLY A 446 11.06 -30.53 16.28
C GLY A 446 11.53 -31.73 17.09
N GLY A 447 11.74 -32.86 16.43
CA GLY A 447 12.28 -34.04 17.10
C GLY A 447 11.25 -34.97 17.71
N HIS A 448 10.26 -35.35 16.92
CA HIS A 448 9.28 -36.36 17.34
C HIS A 448 9.21 -37.45 16.29
N GLN A 449 8.62 -38.60 16.64
CA GLN A 449 8.52 -39.70 15.69
C GLN A 449 7.62 -39.30 14.52
N ALA A 450 6.54 -38.60 14.82
CA ALA A 450 5.66 -38.06 13.78
C ALA A 450 6.22 -36.73 13.28
N PRO A 451 6.35 -36.60 11.95
CA PRO A 451 6.88 -35.32 11.46
C PRO A 451 5.94 -34.14 11.76
N ASP A 452 6.50 -32.95 11.92
CA ASP A 452 5.70 -31.76 12.19
C ASP A 452 5.59 -30.83 10.98
N PHE A 453 6.06 -31.30 9.82
CA PHE A 453 6.07 -30.53 8.58
C PHE A 453 5.75 -31.51 7.45
N LEU A 454 4.75 -31.19 6.64
CA LEU A 454 4.37 -32.02 5.48
C LEU A 454 3.90 -31.10 4.38
N VAL A 455 4.62 -31.11 3.25
CA VAL A 455 4.22 -30.37 2.07
C VAL A 455 3.72 -31.37 1.04
N LYS A 456 2.60 -31.05 0.41
CA LYS A 456 2.04 -31.88 -0.65
C LYS A 456 2.40 -31.29 -1.99
N ILE A 457 2.94 -32.11 -2.88
CA ILE A 457 3.48 -31.64 -4.14
C ILE A 457 2.86 -32.41 -5.30
N VAL A 458 2.23 -31.70 -6.22
CA VAL A 458 1.78 -32.27 -7.48
C VAL A 458 2.97 -32.37 -8.39
N GLY A 459 3.34 -33.59 -8.75
CA GLY A 459 4.52 -33.83 -9.55
C GLY A 459 5.58 -34.64 -8.85
N GLN A 460 6.47 -35.22 -9.63
CA GLN A 460 7.67 -35.86 -9.10
C GLN A 460 8.71 -34.84 -8.61
N VAL A 461 9.48 -35.26 -7.62
CA VAL A 461 10.58 -34.47 -7.10
C VAL A 461 11.84 -35.33 -7.12
N ASP A 462 12.93 -34.80 -7.67
CA ASP A 462 14.22 -35.51 -7.69
C ASP A 462 15.11 -34.96 -6.59
N VAL A 463 15.32 -35.74 -5.55
CA VAL A 463 16.07 -35.29 -4.37
C VAL A 463 17.48 -34.86 -4.74
N ALA A 464 18.05 -35.43 -5.80
CA ALA A 464 19.41 -35.11 -6.18
C ALA A 464 19.56 -33.71 -6.76
N THR A 465 18.48 -33.16 -7.30
CA THR A 465 18.58 -31.90 -8.02
C THR A 465 17.66 -30.79 -7.54
N ASP A 466 16.64 -31.11 -6.74
CA ASP A 466 15.52 -30.18 -6.61
C ASP A 466 15.43 -29.46 -5.27
N PHE A 467 16.47 -29.58 -4.44
CA PHE A 467 16.47 -28.91 -3.14
C PHE A 467 17.61 -27.92 -2.99
N ILE A 468 17.32 -26.93 -2.15
CA ILE A 468 18.35 -26.04 -1.58
C ILE A 468 18.31 -26.27 -0.08
N VAL A 469 19.42 -26.80 0.44
CA VAL A 469 19.51 -27.24 1.82
C VAL A 469 20.70 -26.58 2.50
C1 GOL B . -2.40 7.19 -9.42
O1 GOL B . -2.30 6.63 -8.12
C2 GOL B . -1.03 7.26 -10.13
O2 GOL B . -1.07 8.13 -11.25
C3 GOL B . -0.63 5.90 -10.67
O3 GOL B . 0.41 6.06 -11.63
C1 GOL C . 22.86 -19.47 4.32
O1 GOL C . 24.19 -19.89 4.06
C2 GOL C . 22.01 -19.51 3.05
O2 GOL C . 22.15 -18.30 2.36
C3 GOL C . 20.56 -19.76 3.47
O3 GOL C . 19.62 -19.30 2.51
C1 GOL D . -21.00 17.36 12.65
O1 GOL D . -20.00 17.03 13.58
C2 GOL D . -20.38 17.75 11.32
O2 GOL D . -21.37 17.70 10.33
C3 GOL D . -19.81 19.18 11.42
O3 GOL D . -20.45 20.02 10.51
C1 GOL E . 6.11 -4.64 7.59
O1 GOL E . 6.90 -5.02 6.49
C2 GOL E . 6.77 -3.42 8.25
O2 GOL E . 7.98 -3.81 8.85
C3 GOL E . 7.07 -2.35 7.20
O3 GOL E . 7.15 -1.08 7.85
C1 GOL F . -18.43 1.37 8.70
O1 GOL F . -17.42 1.57 9.66
C2 GOL F . -19.85 1.32 9.27
O2 GOL F . -19.94 0.34 10.29
C3 GOL F . -20.22 2.70 9.84
O3 GOL F . -21.55 2.70 10.36
C1 HEX G . 4.29 24.61 3.30
C2 HEX G . 5.42 23.64 3.32
C3 HEX G . 5.80 23.30 1.92
C4 HEX G . 7.11 22.61 1.92
C5 HEX G . 7.55 22.48 0.50
C6 HEX G . 8.96 22.92 0.39
C1 HEX H . -2.67 28.17 5.57
C2 HEX H . -3.75 28.30 4.57
C3 HEX H . -3.54 29.57 3.79
C4 HEX H . -2.37 29.41 2.90
C5 HEX H . -2.18 30.62 2.05
C6 HEX H . -0.78 30.62 1.54
C1 OCT I . -5.15 35.13 6.09
C2 OCT I . -5.58 34.71 7.46
C3 OCT I . -6.40 33.47 7.38
C4 OCT I . -6.26 32.68 8.64
C5 OCT I . -4.95 31.98 8.62
C6 OCT I . -4.95 30.81 9.54
C7 OCT I . -4.70 29.57 8.74
C8 OCT I . -3.25 29.41 8.48
C1 OCT J . 2.76 15.77 18.62
C2 OCT J . 3.11 14.33 18.78
C3 OCT J . 2.29 13.47 17.87
C4 OCT J . 2.46 12.02 18.23
C5 OCT J . 3.59 11.35 17.50
C6 OCT J . 4.85 11.57 18.28
C7 OCT J . 5.78 10.42 18.13
C8 OCT J . 6.85 10.53 19.16
ZN ZN K . -0.58 21.17 2.01
CA CA L . -12.43 -7.40 0.08
CA CA M . -9.28 -10.25 2.95
CA CA N . 6.74 -14.11 -12.52
CA CA O . 0.15 -18.18 4.28
CA CA P . 7.40 -18.84 -12.60
CA CA Q . 8.05 -23.30 -12.64
CA CA R . 1.91 -22.22 4.69
#